data_9KKH
#
_entry.id   9KKH
#
_cell.length_a   59.080
_cell.length_b   59.080
_cell.length_c   186.900
_cell.angle_alpha   90.000
_cell.angle_beta   90.000
_cell.angle_gamma   120.000
#
_symmetry.space_group_name_H-M   'P 32 2 1'
#
loop_
_entity.id
_entity.type
_entity.pdbx_description
1 polymer 'Ferredoxin--NADP reductase, chloroplastic'
2 non-polymer '2-(N-MORPHOLINO)-ETHANESULFONIC ACID'
3 non-polymer 'DIHYDROFLAVINE-ADENINE DINUCLEOTIDE'
4 water water
#
_entity_poly.entity_id   1
_entity_poly.type   'polypeptide(L)'
_entity_poly.pdbx_seq_one_letter_code
;SRSKVSVAPLHLESAKEPPLNTYKPKEPFTATIVSVESLVGPKAPGETCHIVIDHGGNVPYWEGQSYGVIPPGENPKKPG
APQNVRLYSIASTRYGDNFDGRTGSLCVRRAVYYDPETGKEDPSKNGVCSNFLCNSKPGDKIQLTGPSGKIMLLPEEDPN
ATHIMIATGTGVAPFRGYLRRMFMEDVPNYRFGGLAWLFLGVANSDSLLYDEEFTSYLKQYPDNFRYDKALSREQKNRSG
GKMYVQDKIEEYSDEIFKLLDGGAHIYFCGLKGMMPGIQDTLKKVAERRGESWDQKLAQLKKNKQWHVEVY
;
_entity_poly.pdbx_strand_id   A
#
# COMPACT_ATOMS: atom_id res chain seq x y z
N SER A 3 -11.65 14.61 17.81
CA SER A 3 -10.86 15.61 17.13
C SER A 3 -9.64 14.97 16.49
N LYS A 4 -8.82 15.80 15.85
CA LYS A 4 -7.57 15.31 15.30
CA LYS A 4 -7.56 15.33 15.31
C LYS A 4 -6.55 15.10 16.43
N VAL A 5 -5.70 14.09 16.25
CA VAL A 5 -4.76 13.63 17.26
C VAL A 5 -3.54 14.55 17.26
N SER A 6 -3.14 15.02 18.44
CA SER A 6 -1.93 15.82 18.53
CA SER A 6 -1.93 15.82 18.54
C SER A 6 -0.71 14.99 18.14
N VAL A 7 0.12 15.55 17.27
CA VAL A 7 1.35 14.92 16.85
C VAL A 7 2.50 15.85 17.17
N ALA A 8 3.67 15.26 17.40
CA ALA A 8 4.88 16.01 17.69
C ALA A 8 6.06 15.23 17.13
N PRO A 9 7.17 15.90 16.83
CA PRO A 9 7.37 17.35 16.91
C PRO A 9 7.04 18.04 15.60
N LEU A 10 6.40 19.21 15.68
CA LEU A 10 5.96 19.88 14.46
C LEU A 10 7.13 20.36 13.61
N HIS A 11 8.36 20.37 14.12
CA HIS A 11 9.50 20.68 13.27
C HIS A 11 9.69 19.67 12.14
N LEU A 12 9.02 18.52 12.19
CA LEU A 12 9.05 17.62 11.04
C LEU A 12 8.40 18.22 9.80
N GLU A 13 7.63 19.29 9.95
CA GLU A 13 7.05 19.97 8.80
C GLU A 13 8.00 20.98 8.16
N SER A 14 9.14 21.26 8.79
CA SER A 14 9.97 22.37 8.31
C SER A 14 10.74 22.05 7.05
N ALA A 15 11.22 20.81 6.90
CA ALA A 15 12.04 20.47 5.75
C ALA A 15 11.28 20.74 4.46
N LYS A 16 11.98 21.30 3.48
CA LYS A 16 11.38 21.64 2.20
C LYS A 16 11.54 20.53 1.16
N GLU A 17 12.39 19.55 1.43
N GLU A 17 12.39 19.56 1.42
CA GLU A 17 12.63 18.44 0.52
CA GLU A 17 12.59 18.45 0.50
C GLU A 17 12.58 17.15 1.30
C GLU A 17 12.59 17.15 1.28
N PRO A 18 12.20 16.04 0.65
CA PRO A 18 12.15 14.78 1.36
C PRO A 18 13.55 14.28 1.66
N PRO A 19 13.75 13.64 2.81
CA PRO A 19 15.04 13.00 3.07
C PRO A 19 15.25 11.86 2.08
N LEU A 20 16.50 11.70 1.63
CA LEU A 20 16.84 10.61 0.73
C LEU A 20 18.20 10.04 1.10
N ASN A 21 18.25 8.72 1.30
CA ASN A 21 19.52 8.01 1.45
C ASN A 21 20.30 8.52 2.66
N THR A 22 19.57 8.91 3.71
CA THR A 22 20.20 9.35 4.95
C THR A 22 21.14 8.29 5.49
N TYR A 23 20.71 7.04 5.45
CA TYR A 23 21.56 5.90 5.77
C TYR A 23 21.72 5.03 4.54
N LYS A 24 22.93 4.58 4.32
CA LYS A 24 23.31 3.83 3.14
C LYS A 24 23.67 2.41 3.54
N PRO A 25 23.64 1.46 2.60
CA PRO A 25 23.77 0.05 2.96
C PRO A 25 25.03 -0.30 3.71
N LYS A 26 26.15 0.36 3.45
CA LYS A 26 27.39 -0.01 4.13
C LYS A 26 27.42 0.45 5.58
N GLU A 27 26.61 1.43 5.96
CA GLU A 27 26.50 1.86 7.35
C GLU A 27 25.03 2.13 7.66
N PRO A 28 24.23 1.08 7.84
CA PRO A 28 22.81 1.28 8.13
C PRO A 28 22.60 1.85 9.51
N PHE A 29 21.38 2.29 9.75
CA PHE A 29 20.97 2.67 11.10
C PHE A 29 20.44 1.43 11.81
N THR A 30 20.94 1.15 13.02
CA THR A 30 20.45 0.01 13.78
C THR A 30 19.23 0.45 14.57
N ALA A 31 18.06 0.15 14.03
CA ALA A 31 16.77 0.46 14.65
C ALA A 31 16.32 -0.70 15.52
N THR A 32 15.25 -0.47 16.29
CA THR A 32 14.77 -1.46 17.24
C THR A 32 13.29 -1.71 17.02
N ILE A 33 12.91 -2.98 16.96
CA ILE A 33 11.50 -3.34 16.82
C ILE A 33 10.73 -2.94 18.07
N VAL A 34 9.59 -2.28 17.85
CA VAL A 34 8.63 -2.00 18.91
C VAL A 34 7.60 -3.10 18.99
N SER A 35 7.02 -3.50 17.86
CA SER A 35 5.96 -4.50 17.86
C SER A 35 5.85 -5.12 16.48
N VAL A 36 5.32 -6.35 16.46
CA VAL A 36 4.96 -7.05 15.25
C VAL A 36 3.63 -7.73 15.51
N GLU A 37 2.66 -7.52 14.62
CA GLU A 37 1.35 -8.12 14.80
CA GLU A 37 1.34 -8.11 14.79
C GLU A 37 0.81 -8.55 13.44
N SER A 38 0.12 -9.67 13.41
CA SER A 38 -0.59 -10.07 12.21
C SER A 38 -1.76 -9.13 11.98
N LEU A 39 -1.97 -8.76 10.72
CA LEU A 39 -3.08 -7.91 10.31
C LEU A 39 -4.28 -8.71 9.82
N VAL A 40 -4.18 -10.04 9.79
CA VAL A 40 -5.12 -10.85 9.03
C VAL A 40 -5.72 -11.94 9.91
N GLY A 41 -6.88 -12.43 9.46
CA GLY A 41 -7.61 -13.46 10.15
C GLY A 41 -7.28 -14.84 9.63
N PRO A 42 -7.88 -15.87 10.24
CA PRO A 42 -7.46 -17.25 9.95
C PRO A 42 -7.75 -17.70 8.52
N LYS A 43 -8.69 -17.09 7.82
CA LYS A 43 -8.98 -17.50 6.45
C LYS A 43 -8.10 -16.81 5.42
N ALA A 44 -7.24 -15.89 5.84
CA ALA A 44 -6.37 -15.24 4.87
C ALA A 44 -5.40 -16.28 4.28
N PRO A 45 -5.13 -16.22 2.98
CA PRO A 45 -4.24 -17.24 2.37
C PRO A 45 -2.81 -17.18 2.86
N GLY A 46 -2.37 -16.06 3.41
CA GLY A 46 -1.03 -15.96 3.97
C GLY A 46 -1.04 -14.86 5.00
N GLU A 47 0.09 -14.72 5.69
CA GLU A 47 0.24 -13.75 6.76
CA GLU A 47 0.22 -13.74 6.76
C GLU A 47 0.75 -12.41 6.20
N THR A 48 0.12 -11.33 6.63
CA THR A 48 0.65 -9.98 6.45
C THR A 48 0.74 -9.37 7.83
N CYS A 49 1.89 -8.77 8.14
CA CYS A 49 2.13 -8.24 9.47
CA CYS A 49 2.19 -8.26 9.47
C CYS A 49 2.41 -6.75 9.44
N HIS A 50 2.07 -6.09 10.56
CA HIS A 50 2.35 -4.68 10.79
C HIS A 50 3.55 -4.62 11.72
N ILE A 51 4.63 -3.99 11.25
CA ILE A 51 5.92 -3.92 11.95
C ILE A 51 6.13 -2.48 12.37
N VAL A 52 6.32 -2.23 13.67
CA VAL A 52 6.61 -0.89 14.17
C VAL A 52 8.08 -0.84 14.59
N ILE A 53 8.81 0.14 14.07
CA ILE A 53 10.25 0.24 14.18
C ILE A 53 10.61 1.58 14.80
N ASP A 54 11.40 1.56 15.88
CA ASP A 54 11.90 2.77 16.53
C ASP A 54 13.19 3.18 15.84
N HIS A 55 13.16 4.27 15.09
CA HIS A 55 14.33 4.86 14.46
C HIS A 55 14.88 6.03 15.26
N GLY A 56 14.26 6.35 16.39
CA GLY A 56 14.79 7.35 17.30
C GLY A 56 14.73 8.78 16.79
N GLY A 57 14.01 9.02 15.68
CA GLY A 57 14.08 10.30 15.02
C GLY A 57 15.27 10.46 14.12
N ASN A 58 16.10 9.42 13.99
CA ASN A 58 17.30 9.49 13.16
C ASN A 58 17.03 9.20 11.69
N VAL A 59 15.90 8.57 11.37
CA VAL A 59 15.60 8.24 9.97
C VAL A 59 14.21 8.78 9.62
N PRO A 60 14.03 10.10 9.69
CA PRO A 60 12.73 10.67 9.29
C PRO A 60 12.48 10.49 7.81
N TYR A 61 11.22 10.66 7.43
CA TYR A 61 10.78 10.41 6.07
C TYR A 61 9.51 11.21 5.84
N TRP A 62 9.10 11.27 4.58
CA TRP A 62 7.80 11.79 4.19
C TRP A 62 6.88 10.64 3.80
N GLU A 63 5.59 10.91 3.92
CA GLU A 63 4.59 9.93 3.54
C GLU A 63 4.82 9.50 2.09
N GLY A 64 4.69 8.20 1.85
CA GLY A 64 4.88 7.65 0.52
C GLY A 64 6.28 7.14 0.23
N GLN A 65 7.23 7.39 1.12
CA GLN A 65 8.58 6.89 0.91
C GLN A 65 8.70 5.45 1.38
N SER A 66 9.87 4.86 1.15
CA SER A 66 10.17 3.49 1.53
C SER A 66 11.38 3.47 2.45
N TYR A 67 11.42 2.48 3.33
CA TYR A 67 12.63 2.14 4.06
C TYR A 67 13.27 0.93 3.40
N GLY A 68 14.60 0.87 3.46
CA GLY A 68 15.32 -0.35 3.17
C GLY A 68 15.60 -1.12 4.45
N VAL A 69 15.56 -2.44 4.34
CA VAL A 69 15.93 -3.34 5.43
C VAL A 69 16.95 -4.31 4.89
N ILE A 70 18.07 -4.47 5.60
CA ILE A 70 19.08 -5.45 5.25
C ILE A 70 18.92 -6.63 6.21
N PRO A 71 18.39 -7.76 5.77
CA PRO A 71 18.21 -8.88 6.68
C PRO A 71 19.58 -9.46 7.04
N PRO A 72 19.66 -10.22 8.13
CA PRO A 72 20.95 -10.78 8.55
CA PRO A 72 20.96 -10.76 8.54
C PRO A 72 21.45 -11.84 7.59
N GLY A 73 22.73 -12.17 7.73
CA GLY A 73 23.35 -13.25 7.01
C GLY A 73 24.20 -12.78 5.85
N GLU A 74 24.89 -13.75 5.25
CA GLU A 74 25.69 -13.54 4.07
C GLU A 74 24.82 -13.46 2.82
N ASN A 75 25.24 -12.63 1.89
CA ASN A 75 24.63 -12.63 0.56
C ASN A 75 24.93 -13.96 -0.12
N PRO A 76 23.92 -14.76 -0.45
CA PRO A 76 24.20 -16.08 -1.07
C PRO A 76 24.91 -15.99 -2.40
N LYS A 77 24.79 -14.87 -3.11
CA LYS A 77 25.45 -14.69 -4.39
C LYS A 77 26.78 -13.96 -4.28
N LYS A 78 27.13 -13.49 -3.08
CA LYS A 78 28.36 -12.72 -2.87
C LYS A 78 28.92 -13.10 -1.51
N PRO A 79 29.75 -14.14 -1.44
CA PRO A 79 30.31 -14.57 -0.16
C PRO A 79 31.06 -13.44 0.53
N GLY A 80 30.92 -13.37 1.85
CA GLY A 80 31.51 -12.32 2.65
C GLY A 80 30.77 -11.00 2.61
N ALA A 81 29.75 -10.84 1.76
CA ALA A 81 29.04 -9.58 1.62
C ALA A 81 27.72 -9.62 2.38
N PRO A 82 27.21 -8.47 2.79
CA PRO A 82 25.89 -8.45 3.43
C PRO A 82 24.81 -8.74 2.41
N GLN A 83 23.63 -9.05 2.94
CA GLN A 83 22.46 -9.24 2.09
C GLN A 83 22.09 -7.95 1.39
N ASN A 84 21.41 -8.09 0.26
CA ASN A 84 20.87 -6.94 -0.45
C ASN A 84 19.72 -6.30 0.34
N VAL A 85 19.60 -4.98 0.18
CA VAL A 85 18.47 -4.26 0.73
C VAL A 85 17.17 -4.77 0.11
N ARG A 86 16.15 -4.93 0.94
CA ARG A 86 14.77 -5.03 0.49
C ARG A 86 14.04 -3.76 0.88
N LEU A 87 13.26 -3.23 -0.05
CA LEU A 87 12.50 -2.01 0.18
C LEU A 87 11.08 -2.34 0.66
N TYR A 88 10.58 -1.52 1.58
CA TYR A 88 9.23 -1.64 2.10
C TYR A 88 8.58 -0.27 2.14
N SER A 89 7.41 -0.15 1.53
CA SER A 89 6.64 1.08 1.60
C SER A 89 6.32 1.41 3.05
N ILE A 90 6.61 2.64 3.45
CA ILE A 90 6.28 3.02 4.81
C ILE A 90 4.77 3.17 4.94
N ALA A 91 4.19 2.55 5.97
CA ALA A 91 2.75 2.50 6.18
C ALA A 91 2.29 3.50 7.22
N SER A 92 3.21 4.31 7.75
CA SER A 92 2.94 5.29 8.77
C SER A 92 3.12 6.70 8.22
N THR A 93 2.58 7.66 8.96
CA THR A 93 2.91 9.06 8.68
C THR A 93 4.31 9.35 9.20
N ARG A 94 4.82 10.54 8.87
CA ARG A 94 6.11 10.97 9.40
C ARG A 94 6.14 11.00 10.92
N TYR A 95 5.00 11.13 11.59
CA TYR A 95 4.94 11.11 13.04
C TYR A 95 4.89 9.69 13.59
N GLY A 96 4.44 8.74 12.78
CA GLY A 96 4.41 7.35 13.18
C GLY A 96 3.24 7.04 14.11
N ASP A 97 3.13 5.75 14.41
CA ASP A 97 1.97 5.23 15.11
C ASP A 97 1.91 5.66 16.56
N ASN A 98 3.02 6.16 17.11
N ASN A 98 3.00 6.17 17.12
CA ASN A 98 3.08 6.70 18.47
CA ASN A 98 2.98 6.70 18.47
C ASN A 98 2.98 8.22 18.48
C ASN A 98 2.99 8.22 18.48
N PHE A 99 2.79 8.85 17.31
CA PHE A 99 2.51 10.28 17.22
C PHE A 99 3.64 11.14 17.75
N ASP A 100 4.87 10.63 17.66
CA ASP A 100 6.01 11.23 18.32
C ASP A 100 7.23 11.41 17.42
N GLY A 101 7.15 11.08 16.13
CA GLY A 101 8.29 11.25 15.28
C GLY A 101 9.44 10.30 15.52
N ARG A 102 9.23 9.22 16.27
CA ARG A 102 10.31 8.31 16.57
C ARG A 102 10.17 6.94 15.93
N THR A 103 8.99 6.59 15.40
CA THR A 103 8.78 5.26 14.86
C THR A 103 8.19 5.35 13.47
N GLY A 104 8.47 4.30 12.69
CA GLY A 104 7.80 4.09 11.42
C GLY A 104 7.31 2.65 11.34
N SER A 105 6.38 2.42 10.43
CA SER A 105 5.75 1.12 10.34
C SER A 105 5.79 0.59 8.92
N LEU A 106 5.85 -0.75 8.83
CA LEU A 106 5.82 -1.45 7.56
C LEU A 106 4.65 -2.44 7.55
N CYS A 107 4.19 -2.75 6.34
CA CYS A 107 3.08 -3.67 6.10
C CYS A 107 3.65 -4.77 5.20
N VAL A 108 3.94 -5.94 5.78
CA VAL A 108 4.82 -6.92 5.17
C VAL A 108 4.09 -8.23 4.95
N ARG A 109 4.04 -8.67 3.70
CA ARG A 109 3.51 -9.98 3.38
C ARG A 109 4.60 -11.04 3.56
N ARG A 110 4.30 -12.08 4.34
CA ARG A 110 5.28 -13.15 4.54
C ARG A 110 5.35 -13.98 3.26
N ALA A 111 6.53 -14.06 2.63
CA ALA A 111 6.72 -14.83 1.41
C ALA A 111 7.12 -16.25 1.79
N VAL A 112 6.19 -17.21 1.59
CA VAL A 112 6.40 -18.60 1.96
C VAL A 112 6.33 -19.45 0.69
N TYR A 113 7.29 -20.36 0.56
CA TYR A 113 7.33 -21.24 -0.60
C TYR A 113 6.55 -22.51 -0.35
N TYR A 114 5.75 -22.90 -1.34
CA TYR A 114 5.09 -24.20 -1.36
C TYR A 114 5.39 -24.87 -2.68
N ASP A 115 5.74 -26.16 -2.64
CA ASP A 115 5.93 -26.88 -3.88
C ASP A 115 4.61 -26.83 -4.66
N PRO A 116 4.63 -26.54 -5.96
CA PRO A 116 3.37 -26.36 -6.68
C PRO A 116 2.50 -27.61 -6.74
N GLU A 117 3.08 -28.79 -6.57
N GLU A 117 3.09 -28.81 -6.65
CA GLU A 117 2.32 -30.04 -6.64
CA GLU A 117 2.31 -30.05 -6.76
C GLU A 117 2.01 -30.66 -5.29
C GLU A 117 1.84 -30.53 -5.38
N THR A 118 2.92 -30.53 -4.31
N THR A 118 2.78 -31.00 -4.57
CA THR A 118 2.71 -31.15 -3.01
CA THR A 118 2.41 -31.60 -3.29
C THR A 118 2.44 -30.16 -1.89
C THR A 118 1.72 -30.60 -2.36
N GLY A 119 2.74 -28.87 -2.10
N GLY A 119 1.90 -29.30 -2.60
CA GLY A 119 2.62 -27.90 -1.05
CA GLY A 119 1.49 -28.31 -1.64
C GLY A 119 3.72 -27.93 -0.02
C GLY A 119 2.34 -28.24 -0.40
N LYS A 120 4.72 -28.80 -0.18
N LYS A 120 3.40 -29.04 -0.31
CA LYS A 120 5.77 -28.94 0.83
CA LYS A 120 4.26 -29.04 0.86
C LYS A 120 6.59 -27.66 0.94
C LYS A 120 5.02 -27.73 0.97
N GLU A 121 6.86 -27.27 2.17
N GLU A 121 5.05 -27.17 2.18
CA GLU A 121 7.65 -26.08 2.44
CA GLU A 121 5.77 -25.95 2.45
C GLU A 121 9.14 -26.39 2.27
C GLU A 121 7.26 -26.26 2.59
N ASP A 122 9.93 -25.33 2.25
N ASP A 122 8.09 -25.44 1.95
CA ASP A 122 11.38 -25.43 2.20
CA ASP A 122 9.55 -25.57 2.06
C ASP A 122 11.92 -24.14 2.78
C ASP A 122 10.10 -24.28 2.66
N PRO A 123 12.49 -24.16 3.98
N PRO A 123 10.35 -24.25 3.98
CA PRO A 123 12.94 -22.90 4.60
CA PRO A 123 10.85 -23.02 4.60
C PRO A 123 13.99 -22.17 3.77
C PRO A 123 12.17 -22.52 4.01
N SER A 124 14.77 -22.89 2.97
N SER A 124 12.98 -23.41 3.44
CA SER A 124 15.82 -22.26 2.19
CA SER A 124 14.26 -22.97 2.87
C SER A 124 15.27 -21.43 1.04
C SER A 124 14.07 -22.07 1.65
N LYS A 125 14.00 -21.60 0.68
N LYS A 125 12.91 -22.11 1.02
CA LYS A 125 13.38 -20.89 -0.42
CA LYS A 125 12.61 -21.26 -0.13
C LYS A 125 12.41 -19.81 0.05
C LYS A 125 11.66 -20.13 0.22
N ASN A 126 12.29 -19.59 1.35
N ASN A 126 11.42 -19.87 1.49
CA ASN A 126 11.45 -18.53 1.86
CA ASN A 126 10.59 -18.75 1.89
C ASN A 126 12.08 -17.18 1.58
C ASN A 126 11.36 -17.45 1.69
N GLY A 127 11.23 -16.16 1.45
N GLY A 127 10.63 -16.34 1.68
CA GLY A 127 11.73 -14.82 1.33
CA GLY A 127 11.27 -15.04 1.50
C GLY A 127 12.48 -14.41 2.59
C GLY A 127 12.05 -14.65 2.75
N VAL A 128 13.76 -14.05 2.44
N VAL A 128 13.29 -14.20 2.56
CA VAL A 128 14.61 -13.82 3.61
CA VAL A 128 14.17 -13.97 3.70
C VAL A 128 14.06 -12.70 4.48
C VAL A 128 13.75 -12.74 4.50
N CYS A 129 13.73 -11.57 3.88
CA CYS A 129 13.57 -10.37 4.68
C CYS A 129 12.12 -10.29 5.17
N SER A 130 11.14 -10.78 4.38
CA SER A 130 9.76 -10.74 4.84
C SER A 130 9.53 -11.65 6.04
N ASN A 131 10.13 -12.84 6.02
CA ASN A 131 10.04 -13.73 7.17
C ASN A 131 10.81 -13.17 8.36
N PHE A 132 12.00 -12.60 8.10
CA PHE A 132 12.77 -11.96 9.16
C PHE A 132 11.93 -10.92 9.88
N LEU A 133 11.26 -10.06 9.12
CA LEU A 133 10.45 -9.01 9.72
C LEU A 133 9.23 -9.60 10.45
N CYS A 134 8.50 -10.49 9.79
CA CYS A 134 7.30 -11.03 10.43
C CYS A 134 7.63 -11.91 11.64
N ASN A 135 8.85 -12.44 11.72
CA ASN A 135 9.30 -13.22 12.87
C ASN A 135 9.90 -12.37 13.98
N SER A 136 10.00 -11.06 13.76
CA SER A 136 10.67 -10.20 14.72
C SER A 136 9.83 -10.01 15.98
N LYS A 137 10.50 -9.60 17.05
CA LYS A 137 9.89 -9.42 18.35
C LYS A 137 10.38 -8.11 18.95
N PRO A 138 9.62 -7.54 19.88
CA PRO A 138 10.07 -6.32 20.56
C PRO A 138 11.51 -6.45 21.06
N GLY A 139 12.30 -5.41 20.79
CA GLY A 139 13.67 -5.38 21.19
C GLY A 139 14.65 -5.88 20.15
N ASP A 140 14.19 -6.61 19.15
CA ASP A 140 15.09 -7.06 18.09
C ASP A 140 15.64 -5.86 17.33
N LYS A 141 16.84 -6.02 16.80
CA LYS A 141 17.50 -4.98 16.02
C LYS A 141 17.33 -5.21 14.53
N ILE A 142 17.16 -4.11 13.80
CA ILE A 142 16.92 -4.09 12.35
C ILE A 142 17.93 -3.13 11.73
N GLN A 143 18.57 -3.54 10.63
CA GLN A 143 19.45 -2.66 9.88
C GLN A 143 18.61 -1.91 8.85
N LEU A 144 18.44 -0.62 9.06
CA LEU A 144 17.54 0.22 8.30
C LEU A 144 18.35 1.14 7.40
N THR A 145 17.91 1.27 6.15
CA THR A 145 18.52 2.20 5.20
C THR A 145 17.46 3.11 4.61
N GLY A 146 17.92 4.18 3.97
CA GLY A 146 17.05 5.10 3.30
C GLY A 146 16.84 6.35 4.11
N PRO A 147 15.62 6.93 4.07
CA PRO A 147 14.51 6.46 3.24
C PRO A 147 14.82 6.71 1.78
N SER A 148 13.96 6.20 0.91
CA SER A 148 14.13 6.51 -0.50
C SER A 148 12.79 6.55 -1.18
N GLY A 149 12.82 7.06 -2.40
CA GLY A 149 11.64 7.11 -3.22
C GLY A 149 11.02 8.48 -3.23
N LYS A 150 10.60 8.90 -4.41
CA LYS A 150 9.79 10.10 -4.58
C LYS A 150 8.51 9.89 -5.36
N ILE A 151 8.30 8.74 -5.99
CA ILE A 151 7.15 8.57 -6.87
C ILE A 151 5.84 8.75 -6.13
N MET A 152 5.82 8.37 -4.86
CA MET A 152 4.56 8.26 -4.14
C MET A 152 4.46 9.37 -3.08
N LEU A 153 5.26 10.43 -3.18
CA LEU A 153 5.06 11.58 -2.32
C LEU A 153 3.67 12.15 -2.55
N LEU A 154 3.07 12.67 -1.49
CA LEU A 154 1.72 13.23 -1.59
C LEU A 154 1.80 14.65 -2.13
N PRO A 155 1.13 14.96 -3.25
CA PRO A 155 1.09 16.36 -3.70
C PRO A 155 0.20 17.17 -2.78
N GLU A 156 0.81 18.10 -2.04
CA GLU A 156 0.10 18.90 -1.04
C GLU A 156 -0.14 20.34 -1.47
N GLU A 157 0.30 20.72 -2.67
CA GLU A 157 0.14 22.10 -3.13
C GLU A 157 -1.32 22.54 -3.07
N ASP A 158 -2.24 21.64 -3.42
CA ASP A 158 -3.66 21.91 -3.36
C ASP A 158 -4.24 21.11 -2.21
N PRO A 159 -4.53 21.73 -1.06
CA PRO A 159 -5.09 20.96 0.06
C PRO A 159 -6.53 20.51 -0.18
N ASN A 160 -7.14 20.91 -1.30
CA ASN A 160 -8.46 20.45 -1.69
C ASN A 160 -8.41 19.57 -2.93
N ALA A 161 -7.24 18.99 -3.22
CA ALA A 161 -7.11 18.06 -4.33
C ALA A 161 -7.94 16.80 -4.11
N THR A 162 -8.14 16.06 -5.18
CA THR A 162 -8.74 14.73 -5.13
C THR A 162 -7.66 13.69 -5.34
N HIS A 163 -7.67 12.66 -4.49
CA HIS A 163 -6.68 11.60 -4.48
C HIS A 163 -7.40 10.27 -4.51
N ILE A 164 -7.29 9.57 -5.63
CA ILE A 164 -7.91 8.26 -5.83
C ILE A 164 -6.82 7.22 -5.63
N MET A 165 -6.95 6.40 -4.60
CA MET A 165 -5.91 5.50 -4.14
C MET A 165 -6.30 4.06 -4.42
N ILE A 166 -5.55 3.40 -5.31
CA ILE A 166 -5.85 2.05 -5.75
C ILE A 166 -4.80 1.10 -5.19
N ALA A 167 -5.19 0.25 -4.25
CA ALA A 167 -4.29 -0.65 -3.57
C ALA A 167 -4.72 -2.10 -3.77
N THR A 168 -3.73 -2.99 -3.86
CA THR A 168 -3.96 -4.40 -3.60
C THR A 168 -3.02 -4.83 -2.49
N GLY A 169 -3.55 -5.61 -1.56
CA GLY A 169 -2.73 -6.15 -0.48
C GLY A 169 -1.89 -5.10 0.21
N THR A 170 -0.60 -5.39 0.36
CA THR A 170 0.32 -4.50 1.07
C THR A 170 0.45 -3.14 0.41
N GLY A 171 0.00 -3.00 -0.84
CA GLY A 171 -0.03 -1.70 -1.48
C GLY A 171 -0.87 -0.67 -0.77
N VAL A 172 -1.65 -1.08 0.23
CA VAL A 172 -2.37 -0.11 1.05
C VAL A 172 -1.43 0.77 1.87
N ALA A 173 -0.18 0.35 2.03
CA ALA A 173 0.75 1.01 2.95
C ALA A 173 0.86 2.53 2.78
N PRO A 174 1.23 3.05 1.61
CA PRO A 174 1.35 4.51 1.53
C PRO A 174 0.04 5.21 1.84
N PHE A 175 -1.09 4.57 1.47
CA PHE A 175 -2.38 5.19 1.67
C PHE A 175 -2.75 5.27 3.15
N ARG A 176 -2.35 4.29 3.95
CA ARG A 176 -2.54 4.43 5.38
C ARG A 176 -1.87 5.70 5.88
N GLY A 177 -0.66 5.98 5.40
CA GLY A 177 0.03 7.21 5.77
C GLY A 177 -0.66 8.46 5.23
N TYR A 178 -1.03 8.44 3.95
CA TYR A 178 -1.72 9.60 3.39
C TYR A 178 -2.96 9.92 4.23
N LEU A 179 -3.76 8.90 4.51
CA LEU A 179 -5.07 9.11 5.10
C LEU A 179 -4.96 9.54 6.55
N ARG A 180 -3.97 9.04 7.29
CA ARG A 180 -3.77 9.56 8.64
C ARG A 180 -3.38 11.02 8.61
N ARG A 181 -2.53 11.42 7.67
CA ARG A 181 -2.16 12.83 7.56
C ARG A 181 -3.36 13.69 7.16
N MET A 182 -4.20 13.18 6.26
CA MET A 182 -5.36 13.93 5.76
C MET A 182 -6.41 14.07 6.85
N PHE A 183 -6.62 13.03 7.65
CA PHE A 183 -7.80 12.96 8.51
C PHE A 183 -7.51 12.80 9.98
N MET A 184 -6.45 12.07 10.36
CA MET A 184 -6.37 11.68 11.77
C MET A 184 -5.53 12.64 12.59
N GLU A 185 -4.46 13.18 12.02
CA GLU A 185 -3.44 13.91 12.77
C GLU A 185 -3.68 15.41 12.71
N ASP A 186 -3.33 16.11 13.79
CA ASP A 186 -3.48 17.56 13.83
C ASP A 186 -2.24 18.21 13.21
N VAL A 187 -2.28 18.42 11.90
CA VAL A 187 -1.17 19.00 11.16
C VAL A 187 -1.62 20.39 10.71
N PRO A 188 -1.28 21.45 11.44
CA PRO A 188 -1.91 22.74 11.14
C PRO A 188 -1.61 23.28 9.76
N ASN A 189 -0.48 22.93 9.17
CA ASN A 189 -0.12 23.47 7.87
C ASN A 189 -0.64 22.62 6.71
N TYR A 190 -1.37 21.53 6.99
CA TYR A 190 -1.99 20.72 5.92
C TYR A 190 -3.41 20.33 6.38
N ARG A 191 -4.38 21.12 5.98
CA ARG A 191 -5.78 20.90 6.31
C ARG A 191 -6.46 20.44 5.02
N PHE A 192 -6.69 19.14 4.93
CA PHE A 192 -7.22 18.53 3.72
C PHE A 192 -8.72 18.73 3.64
N GLY A 193 -9.18 19.29 2.53
CA GLY A 193 -10.60 19.52 2.33
C GLY A 193 -11.09 19.01 0.99
N GLY A 194 -10.34 18.12 0.36
CA GLY A 194 -10.72 17.53 -0.91
C GLY A 194 -11.44 16.23 -0.74
N LEU A 195 -11.26 15.34 -1.72
CA LEU A 195 -11.83 14.00 -1.68
C LEU A 195 -10.69 12.99 -1.76
N ALA A 196 -10.64 12.10 -0.79
CA ALA A 196 -9.73 10.96 -0.80
C ALA A 196 -10.60 9.72 -0.97
N TRP A 197 -10.26 8.89 -1.95
CA TRP A 197 -11.09 7.74 -2.29
C TRP A 197 -10.18 6.52 -2.35
N LEU A 198 -10.33 5.62 -1.37
CA LEU A 198 -9.52 4.42 -1.29
C LEU A 198 -10.26 3.23 -1.87
N PHE A 199 -9.64 2.54 -2.82
N PHE A 199 -9.63 2.55 -2.82
CA PHE A 199 -10.08 1.25 -3.32
CA PHE A 199 -10.07 1.26 -3.35
C PHE A 199 -9.06 0.22 -2.90
C PHE A 199 -9.05 0.21 -2.91
N LEU A 200 -9.52 -0.87 -2.29
CA LEU A 200 -8.63 -1.91 -1.79
C LEU A 200 -9.09 -3.28 -2.27
N GLY A 201 -8.21 -3.99 -2.96
CA GLY A 201 -8.46 -5.37 -3.36
C GLY A 201 -7.62 -6.32 -2.53
N VAL A 202 -8.29 -7.31 -1.92
CA VAL A 202 -7.64 -8.37 -1.16
C VAL A 202 -8.37 -9.68 -1.47
N ALA A 203 -7.86 -10.78 -0.92
CA ALA A 203 -8.39 -12.09 -1.28
C ALA A 203 -9.75 -12.37 -0.63
N ASN A 204 -9.93 -11.94 0.61
CA ASN A 204 -11.17 -12.21 1.34
C ASN A 204 -11.23 -11.26 2.53
N SER A 205 -12.35 -11.32 3.26
CA SER A 205 -12.55 -10.40 4.38
C SER A 205 -11.46 -10.53 5.42
N ASP A 206 -11.00 -11.76 5.67
CA ASP A 206 -9.92 -11.98 6.65
C ASP A 206 -8.59 -11.42 6.18
N SER A 207 -8.46 -11.08 4.90
CA SER A 207 -7.23 -10.50 4.37
C SER A 207 -7.26 -8.98 4.35
N LEU A 208 -8.35 -8.36 4.81
CA LEU A 208 -8.38 -6.90 4.86
C LEU A 208 -7.31 -6.38 5.82
N LEU A 209 -6.85 -5.18 5.51
CA LEU A 209 -5.74 -4.55 6.23
C LEU A 209 -6.19 -3.18 6.68
N TYR A 210 -6.20 -2.97 8.01
CA TYR A 210 -6.55 -1.66 8.58
C TYR A 210 -8.00 -1.26 8.33
N ASP A 211 -8.89 -2.24 8.14
CA ASP A 211 -10.26 -1.93 7.72
C ASP A 211 -10.99 -1.06 8.73
N GLU A 212 -10.78 -1.31 10.03
CA GLU A 212 -11.46 -0.50 11.03
C GLU A 212 -11.05 0.96 10.96
N GLU A 213 -9.76 1.21 10.70
CA GLU A 213 -9.28 2.58 10.56
C GLU A 213 -9.95 3.27 9.38
N PHE A 214 -9.99 2.61 8.23
CA PHE A 214 -10.59 3.24 7.05
C PHE A 214 -12.09 3.43 7.24
N THR A 215 -12.76 2.44 7.81
CA THR A 215 -14.19 2.57 8.03
C THR A 215 -14.50 3.74 8.97
N SER A 216 -13.62 3.98 9.95
CA SER A 216 -13.81 5.10 10.86
CA SER A 216 -13.83 5.10 10.85
CA SER A 216 -13.81 5.11 10.85
C SER A 216 -13.79 6.43 10.11
N TYR A 217 -12.94 6.55 9.09
CA TYR A 217 -12.92 7.80 8.32
C TYR A 217 -14.24 8.05 7.61
N LEU A 218 -14.96 6.99 7.20
CA LEU A 218 -16.26 7.19 6.57
C LEU A 218 -17.23 7.90 7.51
N LYS A 219 -17.13 7.60 8.81
CA LYS A 219 -18.04 8.20 9.78
C LYS A 219 -17.56 9.56 10.25
N GLN A 220 -16.26 9.80 10.21
CA GLN A 220 -15.69 11.06 10.67
C GLN A 220 -15.66 12.11 9.56
N TYR A 221 -15.42 11.68 8.33
CA TYR A 221 -15.27 12.59 7.19
C TYR A 221 -16.12 12.10 6.02
N PRO A 222 -17.43 11.98 6.21
CA PRO A 222 -18.28 11.39 5.15
C PRO A 222 -18.30 12.20 3.87
N ASP A 223 -17.99 13.49 3.93
CA ASP A 223 -17.98 14.30 2.72
CA ASP A 223 -17.97 14.33 2.74
C ASP A 223 -16.59 14.46 2.11
N ASN A 224 -15.58 13.81 2.69
CA ASN A 224 -14.21 13.91 2.18
C ASN A 224 -13.54 12.57 1.94
N PHE A 225 -14.16 11.45 2.31
CA PHE A 225 -13.53 10.15 2.19
C PHE A 225 -14.54 9.15 1.66
N ARG A 226 -14.10 8.34 0.70
CA ARG A 226 -14.86 7.20 0.19
C ARG A 226 -13.96 5.97 0.22
N TYR A 227 -14.57 4.80 0.29
CA TYR A 227 -13.85 3.57 0.57
C TYR A 227 -14.60 2.39 -0.04
N ASP A 228 -13.95 1.67 -0.96
CA ASP A 228 -14.57 0.55 -1.64
C ASP A 228 -13.61 -0.62 -1.67
N LYS A 229 -14.14 -1.82 -1.43
CA LYS A 229 -13.33 -3.01 -1.28
C LYS A 229 -13.75 -4.09 -2.27
N ALA A 230 -12.76 -4.85 -2.73
N ALA A 230 -12.77 -4.86 -2.71
CA ALA A 230 -12.97 -6.00 -3.59
CA ALA A 230 -13.02 -6.02 -3.57
C ALA A 230 -12.28 -7.22 -2.98
C ALA A 230 -12.59 -7.25 -2.78
N LEU A 231 -13.03 -8.31 -2.85
N LEU A 231 -13.56 -7.99 -2.24
CA LEU A 231 -12.58 -9.52 -2.14
CA LEU A 231 -13.30 -9.26 -1.57
C LEU A 231 -12.56 -10.63 -3.19
C LEU A 231 -13.54 -10.33 -2.64
N SER A 232 -11.37 -10.98 -3.70
N SER A 232 -12.46 -10.70 -3.34
CA SER A 232 -11.29 -11.74 -4.95
CA SER A 232 -12.60 -11.50 -4.55
C SER A 232 -11.83 -13.16 -4.82
C SER A 232 -13.22 -12.86 -4.27
N ARG A 233 -11.56 -13.83 -3.70
N ARG A 233 -12.85 -13.48 -3.15
CA ARG A 233 -12.00 -15.21 -3.50
CA ARG A 233 -13.33 -14.82 -2.84
C ARG A 233 -13.42 -15.32 -2.96
C ARG A 233 -14.77 -14.86 -2.34
N GLU A 234 -14.03 -14.20 -2.60
N GLU A 234 -15.33 -13.71 -1.94
CA GLU A 234 -15.38 -14.19 -2.04
CA GLU A 234 -16.66 -13.71 -1.34
C GLU A 234 -16.38 -13.41 -2.90
C GLU A 234 -17.60 -12.64 -1.89
N GLN A 235 -15.92 -12.74 -3.95
N GLN A 235 -17.22 -11.97 -2.97
CA GLN A 235 -16.79 -11.93 -4.78
CA GLN A 235 -18.10 -11.01 -3.62
C GLN A 235 -16.44 -12.13 -6.24
C GLN A 235 -18.07 -11.23 -5.12
N LYS A 236 -17.42 -11.87 -7.11
N LYS A 236 -19.20 -10.96 -5.76
CA LYS A 236 -17.26 -12.04 -8.55
CA LYS A 236 -19.32 -11.00 -7.21
C LYS A 236 -17.69 -10.77 -9.27
C LYS A 236 -19.64 -9.61 -7.72
N ASN A 237 -16.97 -10.44 -10.33
N ASN A 237 -19.09 -9.29 -8.89
CA ASN A 237 -17.33 -9.27 -11.11
CA ASN A 237 -19.44 -8.05 -9.54
C ASN A 237 -18.52 -9.56 -12.01
C ASN A 237 -20.83 -8.16 -10.14
N ARG A 238 -19.01 -8.51 -12.66
N ARG A 238 -21.33 -7.07 -10.70
CA ARG A 238 -20.16 -8.66 -13.55
CA ARG A 238 -22.69 -7.04 -11.23
C ARG A 238 -19.86 -9.60 -14.72
C ARG A 238 -22.88 -7.98 -12.42
N SER A 239 -18.58 -9.74 -15.08
N SER A 239 -21.80 -8.40 -13.06
CA SER A 239 -18.13 -10.70 -16.07
CA SER A 239 -21.90 -9.38 -14.13
C SER A 239 -17.59 -11.97 -15.43
C SER A 239 -21.94 -10.80 -13.59
N GLY A 240 -18.08 -12.31 -14.23
N GLY A 240 -21.50 -11.02 -12.36
CA GLY A 240 -17.89 -13.61 -13.63
CA GLY A 240 -21.43 -12.34 -11.76
C GLY A 240 -16.48 -14.03 -13.27
C GLY A 240 -20.04 -12.91 -11.65
N GLY A 241 -15.50 -13.16 -13.51
N GLY A 241 -19.01 -12.19 -12.10
CA GLY A 241 -14.17 -13.40 -12.97
CA GLY A 241 -17.64 -12.63 -11.93
C GLY A 241 -14.14 -13.13 -11.48
C GLY A 241 -17.07 -12.21 -10.59
N LYS A 242 -13.03 -13.50 -10.87
N LYS A 242 -15.85 -12.66 -10.32
CA LYS A 242 -12.80 -13.08 -9.49
CA LYS A 242 -15.17 -12.31 -9.08
C LYS A 242 -12.79 -11.56 -9.42
C LYS A 242 -14.98 -10.80 -9.00
N MET A 243 -13.31 -11.03 -8.31
N MET A 243 -15.17 -10.25 -7.80
CA MET A 243 -13.44 -9.58 -8.14
CA MET A 243 -15.04 -8.81 -7.59
C MET A 243 -12.10 -8.98 -7.81
C MET A 243 -13.57 -8.49 -7.36
N TYR A 244 -11.55 -8.20 -8.73
N TYR A 244 -12.92 -7.94 -8.37
CA TYR A 244 -10.29 -7.50 -8.52
CA TYR A 244 -11.58 -7.39 -8.23
C TYR A 244 -10.53 -6.00 -8.42
C TYR A 244 -11.67 -5.87 -8.09
N VAL A 245 -9.49 -5.28 -8.00
N VAL A 245 -10.55 -5.27 -7.70
CA VAL A 245 -9.66 -3.86 -7.73
CA VAL A 245 -10.56 -3.83 -7.45
C VAL A 245 -10.10 -3.09 -8.97
C VAL A 245 -10.97 -3.05 -8.70
N GLN A 246 -9.67 -3.52 -10.16
N GLN A 246 -10.59 -3.55 -9.88
CA GLN A 246 -10.09 -2.83 -11.37
CA GLN A 246 -10.98 -2.86 -11.11
C GLN A 246 -11.59 -2.95 -11.59
C GLN A 246 -12.48 -2.92 -11.35
N ASP A 247 -12.19 -4.07 -11.15
N ASP A 247 -13.11 -4.05 -11.00
CA ASP A 247 -13.63 -4.25 -11.29
CA ASP A 247 -14.56 -4.10 -11.05
C ASP A 247 -14.41 -3.27 -10.43
C ASP A 247 -15.15 -3.05 -10.14
N LYS A 248 -13.89 -2.93 -9.24
N LYS A 248 -14.47 -2.77 -9.03
CA LYS A 248 -14.58 -2.00 -8.35
CA LYS A 248 -14.91 -1.69 -8.17
C LYS A 248 -14.59 -0.59 -8.92
C LYS A 248 -14.61 -0.32 -8.78
N ILE A 249 -13.45 -0.16 -9.44
CA ILE A 249 -13.28 1.09 -10.18
C ILE A 249 -14.37 1.22 -11.24
N GLU A 250 -14.67 0.12 -11.93
CA GLU A 250 -15.63 0.16 -13.03
C GLU A 250 -17.04 0.44 -12.53
N GLU A 251 -17.39 -0.03 -11.32
CA GLU A 251 -18.67 0.32 -10.71
C GLU A 251 -18.85 1.83 -10.59
N TYR A 252 -17.76 2.58 -10.53
CA TYR A 252 -17.81 4.04 -10.43
C TYR A 252 -17.17 4.69 -11.65
N SER A 253 -17.31 4.06 -12.83
CA SER A 253 -16.57 4.50 -14.00
CA SER A 253 -16.60 4.49 -14.03
C SER A 253 -16.80 5.98 -14.30
N ASP A 254 -18.07 6.40 -14.30
CA ASP A 254 -18.37 7.79 -14.66
C ASP A 254 -17.83 8.76 -13.62
N GLU A 255 -18.08 8.49 -12.34
CA GLU A 255 -17.54 9.38 -11.32
C GLU A 255 -16.03 9.47 -11.39
N ILE A 256 -15.36 8.34 -11.59
CA ILE A 256 -13.89 8.32 -11.59
C ILE A 256 -13.35 9.09 -12.80
N PHE A 257 -13.90 8.84 -13.99
CA PHE A 257 -13.40 9.54 -15.17
C PHE A 257 -13.64 11.04 -15.06
N LYS A 258 -14.80 11.44 -14.52
CA LYS A 258 -15.05 12.85 -14.30
CA LYS A 258 -15.05 12.86 -14.29
C LYS A 258 -14.03 13.45 -13.32
N LEU A 259 -13.72 12.72 -12.24
CA LEU A 259 -12.72 13.23 -11.30
C LEU A 259 -11.36 13.37 -11.95
N LEU A 260 -10.94 12.38 -12.75
CA LEU A 260 -9.67 12.47 -13.46
C LEU A 260 -9.66 13.69 -14.38
N ASP A 261 -10.75 13.89 -15.13
CA ASP A 261 -10.82 15.05 -16.01
C ASP A 261 -10.75 16.34 -15.22
N GLY A 262 -11.24 16.34 -13.98
CA GLY A 262 -11.16 17.51 -13.13
C GLY A 262 -9.84 17.73 -12.43
N GLY A 263 -8.86 16.87 -12.65
CA GLY A 263 -7.53 17.05 -12.09
C GLY A 263 -7.14 16.12 -10.97
N ALA A 264 -7.93 15.09 -10.68
CA ALA A 264 -7.62 14.18 -9.59
C ALA A 264 -6.30 13.47 -9.83
N HIS A 265 -5.57 13.25 -8.73
CA HIS A 265 -4.45 12.33 -8.73
C HIS A 265 -4.95 10.92 -8.54
N ILE A 266 -4.29 9.97 -9.20
CA ILE A 266 -4.62 8.57 -9.03
C ILE A 266 -3.33 7.80 -8.79
N TYR A 267 -3.38 6.88 -7.83
CA TYR A 267 -2.21 6.18 -7.32
C TYR A 267 -2.48 4.69 -7.38
N PHE A 268 -1.42 3.94 -7.67
CA PHE A 268 -1.49 2.49 -7.70
C PHE A 268 -0.32 1.91 -6.92
N CYS A 269 -0.61 0.97 -6.03
CA CYS A 269 0.44 0.37 -5.23
C CYS A 269 0.06 -1.05 -4.87
N GLY A 270 1.06 -1.92 -4.85
CA GLY A 270 0.89 -3.33 -4.57
C GLY A 270 1.71 -4.17 -5.54
N LEU A 271 1.37 -5.44 -5.65
CA LEU A 271 2.08 -6.32 -6.57
C LEU A 271 1.87 -5.88 -8.01
N LYS A 272 2.95 -5.96 -8.81
CA LYS A 272 2.90 -5.47 -10.18
C LYS A 272 1.86 -6.19 -11.02
N GLY A 273 1.49 -7.41 -10.64
CA GLY A 273 0.45 -8.13 -11.35
C GLY A 273 -0.92 -7.50 -11.26
N MET A 274 -1.12 -6.49 -10.39
CA MET A 274 -2.43 -5.83 -10.37
C MET A 274 -2.65 -4.98 -11.61
N MET A 275 -1.59 -4.51 -12.26
CA MET A 275 -1.68 -3.49 -13.30
C MET A 275 -2.30 -3.93 -14.62
N PRO A 276 -1.98 -5.11 -15.18
CA PRO A 276 -2.58 -5.47 -16.48
C PRO A 276 -4.09 -5.46 -16.47
N GLY A 277 -4.71 -6.02 -15.43
CA GLY A 277 -6.16 -6.01 -15.36
C GLY A 277 -6.73 -4.61 -15.23
N ILE A 278 -6.04 -3.76 -14.47
CA ILE A 278 -6.47 -2.37 -14.33
C ILE A 278 -6.41 -1.65 -15.69
N GLN A 279 -5.29 -1.81 -16.41
CA GLN A 279 -5.20 -1.19 -17.72
C GLN A 279 -6.30 -1.70 -18.65
N ASP A 280 -6.58 -3.01 -18.60
CA ASP A 280 -7.62 -3.57 -19.45
CA ASP A 280 -7.63 -3.58 -19.44
C ASP A 280 -8.98 -2.96 -19.12
N THR A 281 -9.31 -2.85 -17.83
CA THR A 281 -10.59 -2.26 -17.45
C THR A 281 -10.67 -0.80 -17.87
N LEU A 282 -9.60 -0.03 -17.63
CA LEU A 282 -9.64 1.39 -17.98
C LEU A 282 -9.77 1.57 -19.49
N LYS A 283 -9.14 0.71 -20.28
CA LYS A 283 -9.29 0.77 -21.73
C LYS A 283 -10.74 0.52 -22.13
N LYS A 284 -11.38 -0.48 -21.51
CA LYS A 284 -12.76 -0.81 -21.85
C LYS A 284 -13.72 0.27 -21.40
N VAL A 285 -13.49 0.85 -20.22
CA VAL A 285 -14.32 1.94 -19.75
C VAL A 285 -14.22 3.13 -20.69
N ALA A 286 -12.99 3.48 -21.09
CA ALA A 286 -12.81 4.57 -22.03
C ALA A 286 -13.53 4.29 -23.34
N GLU A 287 -13.39 3.08 -23.85
CA GLU A 287 -14.04 2.72 -25.12
CA GLU A 287 -14.04 2.72 -25.12
C GLU A 287 -15.56 2.89 -25.03
N ARG A 288 -16.15 2.45 -23.92
CA ARG A 288 -17.61 2.59 -23.78
C ARG A 288 -18.03 4.05 -23.75
N ARG A 289 -17.17 4.92 -23.24
CA ARG A 289 -17.43 6.36 -23.22
C ARG A 289 -17.08 7.03 -24.53
N GLY A 290 -16.51 6.30 -25.48
CA GLY A 290 -16.08 6.90 -26.73
C GLY A 290 -14.77 7.63 -26.64
N GLU A 291 -13.94 7.29 -25.65
CA GLU A 291 -12.64 7.90 -25.38
CA GLU A 291 -12.64 7.91 -25.46
C GLU A 291 -11.53 6.90 -25.71
N SER A 292 -10.34 7.44 -25.98
CA SER A 292 -9.15 6.62 -26.16
C SER A 292 -8.40 6.59 -24.82
N TRP A 293 -8.26 5.41 -24.23
CA TRP A 293 -7.52 5.31 -22.99
C TRP A 293 -6.05 5.69 -23.20
N ASP A 294 -5.47 5.33 -24.35
CA ASP A 294 -4.09 5.72 -24.61
C ASP A 294 -3.92 7.22 -24.51
N GLN A 295 -4.81 7.97 -25.17
CA GLN A 295 -4.70 9.42 -25.12
CA GLN A 295 -4.73 9.42 -25.13
C GLN A 295 -4.97 9.94 -23.71
N LYS A 296 -5.93 9.34 -23.00
CA LYS A 296 -6.20 9.80 -21.64
CA LYS A 296 -6.20 9.78 -21.63
C LYS A 296 -5.00 9.54 -20.73
N LEU A 297 -4.42 8.34 -20.81
CA LEU A 297 -3.27 8.05 -19.97
C LEU A 297 -2.07 8.95 -20.30
N ALA A 298 -1.84 9.21 -21.59
CA ALA A 298 -0.77 10.14 -21.95
C ALA A 298 -1.00 11.51 -21.31
N GLN A 299 -2.24 11.99 -21.31
CA GLN A 299 -2.50 13.28 -20.70
CA GLN A 299 -2.55 13.27 -20.69
C GLN A 299 -2.35 13.22 -19.19
N LEU A 300 -2.82 12.14 -18.55
CA LEU A 300 -2.66 12.02 -17.10
C LEU A 300 -1.18 12.02 -16.71
N LYS A 301 -0.35 11.32 -17.50
CA LYS A 301 1.08 11.34 -17.22
C LYS A 301 1.69 12.72 -17.46
N LYS A 302 1.31 13.37 -18.56
CA LYS A 302 1.84 14.70 -18.85
C LYS A 302 1.47 15.67 -17.73
N ASN A 303 0.26 15.54 -17.19
CA ASN A 303 -0.25 16.42 -16.15
C ASN A 303 0.23 16.01 -14.75
N LYS A 304 1.02 14.95 -14.65
CA LYS A 304 1.56 14.49 -13.36
C LYS A 304 0.46 14.05 -12.39
N GLN A 305 -0.57 13.42 -12.94
CA GLN A 305 -1.69 12.90 -12.16
C GLN A 305 -1.59 11.41 -11.87
N TRP A 306 -0.61 10.71 -12.46
CA TRP A 306 -0.59 9.25 -12.50
C TRP A 306 0.61 8.76 -11.71
N HIS A 307 0.38 8.02 -10.63
CA HIS A 307 1.45 7.67 -9.69
C HIS A 307 1.41 6.18 -9.43
N VAL A 308 2.45 5.46 -9.83
CA VAL A 308 2.46 4.00 -9.74
C VAL A 308 3.72 3.56 -9.01
N GLU A 309 3.56 2.73 -7.98
CA GLU A 309 4.69 2.05 -7.36
C GLU A 309 4.27 0.62 -7.08
N VAL A 310 4.66 -0.30 -7.97
CA VAL A 310 4.27 -1.69 -7.86
C VAL A 310 5.52 -2.54 -7.90
N TYR A 311 5.41 -3.76 -7.38
CA TYR A 311 6.61 -4.51 -7.04
C TYR A 311 6.37 -6.01 -7.00
#